data_4EVY
#
_entry.id   4EVY
#
_cell.length_a   39.723
_cell.length_b   43.789
_cell.length_c   46.282
_cell.angle_alpha   83.65
_cell.angle_beta   87.49
_cell.angle_gamma   68.41
#
_symmetry.space_group_name_H-M   'P 1'
#
loop_
_entity.id
_entity.type
_entity.pdbx_description
1 polymer "Aminoglycoside N(6')-acetyltransferase type 1"
2 non-polymer TOBRAMYCIN
3 non-polymer 'POTASSIUM ION'
4 non-polymer 'CHLORIDE ION'
5 water water
#
_entity_poly.entity_id   1
_entity_poly.type   'polypeptide(L)'
_entity_poly.pdbx_seq_one_letter_code
;MGSSHHHHHHSSGRENLYFQGMNIKPASEASLKDWLELRNKLWSDSEASHLQEMHQLLAEKYALQLLAYSDHQAIAMLEA
SIRFEYVNGTETSPVGFLEGIYVLPAHRRSGVATMLIRQAEVWAKQFSCTEFASDAALDNVISHAMHRSLGFQETEKVVY
FSKKID
;
_entity_poly.pdbx_strand_id   A,B
#
loop_
_chem_comp.id
_chem_comp.type
_chem_comp.name
_chem_comp.formula
CL non-polymer 'CHLORIDE ION' 'Cl -1'
K non-polymer 'POTASSIUM ION' 'K 1'
TOY non-polymer TOBRAMYCIN 'C18 H37 N5 O9'
#
# COMPACT_ATOMS: atom_id res chain seq x y z
N GLN A 20 -31.50 -6.17 -11.90
CA GLN A 20 -32.58 -5.49 -12.62
C GLN A 20 -32.09 -4.86 -13.94
N GLY A 21 -32.50 -3.62 -14.19
CA GLY A 21 -32.26 -2.95 -15.46
C GLY A 21 -30.87 -2.37 -15.63
N MET A 22 -29.90 -2.98 -14.99
CA MET A 22 -28.55 -2.49 -15.09
C MET A 22 -27.59 -3.53 -15.61
N ASN A 23 -26.53 -3.05 -16.27
CA ASN A 23 -25.47 -3.94 -16.68
C ASN A 23 -24.09 -3.37 -16.43
N ILE A 24 -23.17 -4.27 -16.24
CA ILE A 24 -21.81 -3.92 -15.96
C ILE A 24 -20.94 -4.43 -17.10
N LYS A 25 -20.00 -3.61 -17.55
CA LYS A 25 -19.05 -4.07 -18.56
C LYS A 25 -17.69 -3.48 -18.27
N PRO A 26 -16.63 -4.16 -18.74
CA PRO A 26 -15.31 -3.54 -18.62
C PRO A 26 -15.26 -2.26 -19.45
N ALA A 27 -14.50 -1.27 -18.98
CA ALA A 27 -14.27 -0.07 -19.76
C ALA A 27 -13.42 -0.43 -20.97
N SER A 28 -13.46 0.41 -21.99
CA SER A 28 -12.65 0.22 -23.20
C SER A 28 -12.52 1.53 -23.93
N GLU A 29 -11.85 1.52 -25.08
CA GLU A 29 -11.66 2.74 -25.85
C GLU A 29 -13.00 3.36 -26.24
N ALA A 30 -14.01 2.52 -26.41
CA ALA A 30 -15.31 3.03 -26.84
C ALA A 30 -16.00 3.81 -25.73
N SER A 31 -15.70 3.43 -24.48
CA SER A 31 -16.35 3.99 -23.31
C SER A 31 -15.44 4.92 -22.50
N LEU A 32 -14.31 5.34 -23.09
CA LEU A 32 -13.38 6.22 -22.38
C LEU A 32 -14.02 7.53 -21.90
N LYS A 33 -14.88 8.11 -22.72
CA LYS A 33 -15.59 9.33 -22.32
C LYS A 33 -16.48 9.16 -21.09
N ASP A 34 -17.26 8.07 -21.07
CA ASP A 34 -18.05 7.71 -19.89
C ASP A 34 -17.17 7.55 -18.65
N TRP A 35 -16.05 6.86 -18.84
CA TRP A 35 -15.19 6.50 -17.73
C TRP A 35 -14.56 7.77 -17.15
N LEU A 36 -14.12 8.64 -18.06
CA LEU A 36 -13.54 9.93 -17.70
C LEU A 36 -14.44 10.79 -16.80
N GLU A 37 -15.71 10.92 -17.19
CA GLU A 37 -16.68 11.74 -16.44
C GLU A 37 -16.76 11.29 -15.00
N LEU A 38 -16.78 9.96 -14.84
CA LEU A 38 -16.97 9.40 -13.51
C LEU A 38 -15.67 9.50 -12.73
N ARG A 39 -14.59 9.09 -13.39
CA ARG A 39 -13.27 9.10 -12.79
C ARG A 39 -12.89 10.48 -12.25
N ASN A 40 -13.17 11.51 -13.04
CA ASN A 40 -12.82 12.88 -12.69
C ASN A 40 -13.64 13.42 -11.51
N LYS A 41 -14.84 12.85 -11.29
CA LYS A 41 -15.67 13.22 -10.14
C LYS A 41 -15.09 12.63 -8.86
N LEU A 42 -14.35 11.56 -9.02
CA LEU A 42 -13.68 10.89 -7.90
C LEU A 42 -12.32 11.50 -7.62
N TRP A 43 -11.53 11.64 -8.68
CA TRP A 43 -10.16 12.17 -8.59
C TRP A 43 -9.98 13.26 -9.65
N SER A 44 -9.82 14.49 -9.21
CA SER A 44 -9.68 15.60 -10.14
C SER A 44 -8.30 15.62 -10.76
N ASP A 45 -8.26 15.76 -12.09
CA ASP A 45 -7.01 15.92 -12.84
C ASP A 45 -7.37 16.45 -14.24
N SER A 46 -6.36 16.77 -15.04
CA SER A 46 -6.58 17.20 -16.43
C SER A 46 -7.13 16.02 -17.23
N GLU A 47 -7.87 16.32 -18.30
CA GLU A 47 -8.38 15.27 -19.18
C GLU A 47 -7.20 14.49 -19.76
N ALA A 48 -6.19 15.22 -20.23
CA ALA A 48 -5.04 14.60 -20.89
C ALA A 48 -4.35 13.63 -19.93
N SER A 49 -4.17 14.04 -18.67
CA SER A 49 -3.54 13.16 -17.67
C SER A 49 -4.38 11.93 -17.33
N HIS A 50 -5.68 12.14 -17.08
CA HIS A 50 -6.57 11.02 -16.90
C HIS A 50 -6.54 10.09 -18.09
N LEU A 51 -6.70 10.66 -19.27
CA LEU A 51 -6.80 9.82 -20.46
C LEU A 51 -5.53 8.97 -20.71
N GLN A 52 -4.35 9.56 -20.63
CA GLN A 52 -3.12 8.78 -20.76
C GLN A 52 -3.04 7.64 -19.73
N GLU A 53 -3.31 7.95 -18.47
CA GLU A 53 -3.42 6.90 -17.46
C GLU A 53 -4.45 5.81 -17.77
N MET A 54 -5.64 6.20 -18.25
CA MET A 54 -6.68 5.22 -18.53
C MET A 54 -6.25 4.26 -19.67
N HIS A 55 -5.59 4.79 -20.68
CA HIS A 55 -5.10 3.92 -21.76
C HIS A 55 -4.09 2.92 -21.25
N GLN A 56 -3.25 3.35 -20.30
CA GLN A 56 -2.26 2.43 -19.71
C GLN A 56 -2.99 1.31 -18.95
N LEU A 57 -4.00 1.71 -18.19
CA LEU A 57 -4.80 0.77 -17.39
C LEU A 57 -5.49 -0.28 -18.27
N LEU A 58 -5.97 0.16 -19.44
CA LEU A 58 -6.57 -0.75 -20.41
C LEU A 58 -5.58 -1.83 -20.86
N ALA A 59 -4.29 -1.49 -20.87
CA ALA A 59 -3.30 -2.46 -21.34
C ALA A 59 -2.59 -3.20 -20.18
N GLU A 60 -3.07 -3.00 -18.97
CA GLU A 60 -2.47 -3.60 -17.78
C GLU A 60 -3.33 -4.79 -17.32
N LYS A 61 -2.81 -5.99 -17.44
CA LYS A 61 -3.63 -7.15 -17.10
C LYS A 61 -3.92 -7.23 -15.61
N TYR A 62 -3.08 -6.61 -14.78
CA TYR A 62 -3.35 -6.59 -13.34
C TYR A 62 -4.21 -5.40 -12.88
N ALA A 63 -4.95 -4.79 -13.80
CA ALA A 63 -5.86 -3.71 -13.45
C ALA A 63 -7.26 -4.11 -13.94
N LEU A 64 -8.30 -3.69 -13.23
CA LEU A 64 -9.67 -3.97 -13.63
C LEU A 64 -10.38 -2.63 -13.62
N GLN A 65 -11.15 -2.33 -14.66
CA GLN A 65 -11.89 -1.06 -14.68
C GLN A 65 -13.26 -1.37 -15.24
N LEU A 66 -14.27 -1.24 -14.38
CA LEU A 66 -15.63 -1.64 -14.71
C LEU A 66 -16.52 -0.41 -14.70
N LEU A 67 -17.47 -0.38 -15.63
CA LEU A 67 -18.53 0.61 -15.64
C LEU A 67 -19.86 -0.08 -15.47
N ALA A 68 -20.79 0.62 -14.83
CA ALA A 68 -22.17 0.15 -14.72
C ALA A 68 -23.07 1.09 -15.48
N TYR A 69 -24.02 0.52 -16.22
CA TYR A 69 -24.99 1.32 -16.95
C TYR A 69 -26.43 1.12 -16.46
N SER A 70 -27.19 2.21 -16.38
CA SER A 70 -28.64 2.13 -16.28
C SER A 70 -29.19 2.82 -17.52
N ASP A 71 -29.98 2.08 -18.30
CA ASP A 71 -30.33 2.52 -19.65
C ASP A 71 -29.06 2.75 -20.46
N HIS A 72 -28.96 3.91 -21.09
CA HIS A 72 -27.83 4.26 -21.92
C HIS A 72 -26.85 5.13 -21.15
N GLN A 73 -27.01 5.15 -19.83
CA GLN A 73 -26.26 6.11 -19.02
C GLN A 73 -25.25 5.41 -18.12
N ALA A 74 -23.99 5.85 -18.15
CA ALA A 74 -23.01 5.32 -17.21
C ALA A 74 -23.33 5.94 -15.84
N ILE A 75 -23.50 5.08 -14.83
CA ILE A 75 -23.88 5.54 -13.50
C ILE A 75 -22.85 5.25 -12.41
N ALA A 76 -21.87 4.39 -12.70
CA ALA A 76 -20.89 4.02 -11.68
C ALA A 76 -19.62 3.47 -12.32
N MET A 77 -18.52 3.50 -11.58
CA MET A 77 -17.26 2.88 -12.02
C MET A 77 -16.56 2.26 -10.83
N LEU A 78 -15.82 1.20 -11.10
CA LEU A 78 -14.96 0.60 -10.11
C LEU A 78 -13.58 0.47 -10.75
N GLU A 79 -12.52 0.79 -10.01
CA GLU A 79 -11.19 0.42 -10.45
C GLU A 79 -10.53 -0.45 -9.38
N ALA A 80 -9.89 -1.53 -9.81
CA ALA A 80 -9.19 -2.41 -8.87
C ALA A 80 -7.85 -2.85 -9.43
N SER A 81 -7.00 -3.43 -8.57
CA SER A 81 -5.73 -3.95 -9.05
C SER A 81 -5.44 -5.25 -8.32
N ILE A 82 -4.45 -5.97 -8.80
CA ILE A 82 -3.91 -7.11 -8.08
C ILE A 82 -2.57 -6.57 -7.52
N ARG A 83 -2.38 -6.65 -6.21
CA ARG A 83 -1.16 -6.12 -5.58
C ARG A 83 -0.30 -7.29 -5.14
N PHE A 84 0.96 -7.32 -5.60
CA PHE A 84 1.89 -8.35 -5.19
C PHE A 84 2.76 -7.85 -4.04
N GLU A 85 2.83 -6.53 -3.87
CA GLU A 85 3.61 -5.96 -2.78
C GLU A 85 2.71 -5.94 -1.55
N TYR A 86 3.33 -5.92 -0.37
CA TYR A 86 2.60 -5.95 0.91
C TYR A 86 1.52 -4.87 1.00
N VAL A 87 0.30 -5.31 1.36
CA VAL A 87 -0.78 -4.38 1.61
C VAL A 87 -1.14 -4.40 3.08
N ASN A 88 -1.17 -3.21 3.71
CA ASN A 88 -1.49 -3.12 5.14
C ASN A 88 -2.73 -3.88 5.54
N GLY A 89 -2.65 -4.66 6.62
CA GLY A 89 -3.85 -5.30 7.11
C GLY A 89 -4.15 -6.67 6.53
N THR A 90 -3.48 -7.05 5.45
CA THR A 90 -3.79 -8.33 4.80
C THR A 90 -2.91 -9.44 5.36
N GLU A 91 -3.32 -10.70 5.14
CA GLU A 91 -2.53 -11.87 5.59
C GLU A 91 -1.96 -12.71 4.44
N THR A 92 -2.27 -12.32 3.22
CA THR A 92 -1.92 -13.12 2.04
C THR A 92 -1.39 -12.18 0.96
N SER A 93 -0.80 -12.77 -0.08
CA SER A 93 -0.23 -12.03 -1.20
C SER A 93 -0.06 -13.00 -2.38
N PRO A 94 -0.45 -12.56 -3.59
CA PRO A 94 -1.10 -11.28 -3.88
C PRO A 94 -2.55 -11.19 -3.35
N VAL A 95 -3.11 -9.97 -3.37
CA VAL A 95 -4.49 -9.71 -2.93
C VAL A 95 -5.16 -8.84 -3.97
N GLY A 96 -6.50 -8.90 -4.06
CA GLY A 96 -7.17 -7.93 -4.90
C GLY A 96 -7.24 -6.63 -4.11
N PHE A 97 -7.30 -5.49 -4.81
CA PHE A 97 -7.28 -4.21 -4.10
C PHE A 97 -8.19 -3.22 -4.77
N LEU A 98 -9.10 -2.64 -3.99
CA LEU A 98 -10.06 -1.68 -4.53
C LEU A 98 -9.37 -0.32 -4.59
N GLU A 99 -9.14 0.18 -5.80
CA GLU A 99 -8.42 1.45 -5.91
C GLU A 99 -9.39 2.62 -5.80
N GLY A 100 -10.61 2.43 -6.30
CA GLY A 100 -11.63 3.46 -6.16
C GLY A 100 -12.98 2.98 -6.67
N ILE A 101 -14.03 3.56 -6.13
CA ILE A 101 -15.37 3.27 -6.58
C ILE A 101 -16.19 4.57 -6.51
N TYR A 102 -17.02 4.80 -7.52
CA TYR A 102 -17.82 6.00 -7.57
C TYR A 102 -19.15 5.68 -8.20
N VAL A 103 -20.23 6.04 -7.50
CA VAL A 103 -21.58 5.87 -7.98
C VAL A 103 -22.24 7.24 -7.96
N LEU A 104 -22.91 7.59 -9.05
CA LEU A 104 -23.62 8.85 -9.12
C LEU A 104 -24.63 8.89 -7.98
N PRO A 105 -24.70 10.05 -7.28
CA PRO A 105 -25.53 10.24 -6.09
C PRO A 105 -26.94 9.72 -6.25
N ALA A 106 -27.59 10.00 -7.37
CA ALA A 106 -28.96 9.55 -7.59
C ALA A 106 -29.09 8.03 -7.73
N HIS A 107 -27.97 7.33 -7.88
CA HIS A 107 -28.02 5.87 -8.07
C HIS A 107 -27.48 5.04 -6.90
N ARG A 108 -27.33 5.69 -5.75
CA ARG A 108 -26.68 5.04 -4.62
C ARG A 108 -27.62 4.15 -3.80
N ARG A 109 -28.84 3.95 -4.28
CA ARG A 109 -29.77 3.04 -3.59
C ARG A 109 -30.18 1.87 -4.47
N SER A 110 -29.31 1.55 -5.42
CA SER A 110 -29.62 0.59 -6.48
C SER A 110 -28.83 -0.72 -6.32
N GLY A 111 -28.02 -0.80 -5.27
CA GLY A 111 -27.13 -1.93 -5.07
C GLY A 111 -26.05 -2.07 -6.15
N VAL A 112 -25.83 -1.01 -6.93
CA VAL A 112 -24.85 -1.10 -8.01
C VAL A 112 -23.45 -1.33 -7.46
N ALA A 113 -23.12 -0.67 -6.37
CA ALA A 113 -21.81 -0.84 -5.75
C ALA A 113 -21.56 -2.31 -5.36
N THR A 114 -22.55 -2.97 -4.77
CA THR A 114 -22.48 -4.42 -4.53
C THR A 114 -22.21 -5.25 -5.80
N MET A 115 -22.95 -4.94 -6.87
CA MET A 115 -22.79 -5.64 -8.14
C MET A 115 -21.37 -5.49 -8.69
N LEU A 116 -20.81 -4.29 -8.57
CA LEU A 116 -19.47 -4.04 -9.06
C LEU A 116 -18.44 -4.80 -8.22
N ILE A 117 -18.55 -4.70 -6.90
CA ILE A 117 -17.60 -5.41 -6.02
C ILE A 117 -17.66 -6.92 -6.28
N ARG A 118 -18.87 -7.46 -6.49
CA ARG A 118 -19.00 -8.90 -6.74
C ARG A 118 -18.24 -9.31 -7.99
N GLN A 119 -18.31 -8.47 -9.03
CA GLN A 119 -17.65 -8.79 -10.28
C GLN A 119 -16.13 -8.60 -10.13
N ALA A 120 -15.75 -7.63 -9.32
CA ALA A 120 -14.34 -7.42 -9.03
C ALA A 120 -13.73 -8.62 -8.29
N GLU A 121 -14.51 -9.23 -7.40
CA GLU A 121 -14.04 -10.41 -6.68
C GLU A 121 -13.89 -11.64 -7.56
N VAL A 122 -14.79 -11.79 -8.53
CA VAL A 122 -14.69 -12.89 -9.48
C VAL A 122 -13.40 -12.75 -10.29
N TRP A 123 -13.12 -11.52 -10.69
CA TRP A 123 -11.87 -11.19 -11.37
C TRP A 123 -10.64 -11.55 -10.53
N ALA A 124 -10.61 -11.10 -9.29
CA ALA A 124 -9.45 -11.37 -8.44
C ALA A 124 -9.24 -12.86 -8.17
N LYS A 125 -10.32 -13.65 -8.20
CA LYS A 125 -10.19 -15.08 -7.95
C LYS A 125 -9.37 -15.79 -9.03
N GLN A 126 -9.39 -15.24 -10.23
CA GLN A 126 -8.61 -15.78 -11.34
C GLN A 126 -7.13 -15.80 -11.02
N PHE A 127 -6.72 -14.84 -10.21
CA PHE A 127 -5.34 -14.71 -9.78
C PHE A 127 -5.10 -15.54 -8.51
N SER A 128 -6.09 -16.38 -8.17
CA SER A 128 -6.07 -17.15 -6.94
C SER A 128 -5.91 -16.25 -5.70
N CYS A 129 -6.50 -15.06 -5.72
CA CYS A 129 -6.53 -14.23 -4.51
C CYS A 129 -7.59 -14.78 -3.56
N THR A 130 -7.36 -14.60 -2.26
CA THR A 130 -8.33 -15.06 -1.28
C THR A 130 -8.86 -13.91 -0.44
N GLU A 131 -8.20 -12.75 -0.55
CA GLU A 131 -8.60 -11.55 0.15
C GLU A 131 -8.78 -10.43 -0.81
N PHE A 132 -9.69 -9.54 -0.50
CA PHE A 132 -9.85 -8.32 -1.28
C PHE A 132 -9.67 -7.19 -0.27
N ALA A 133 -8.69 -6.31 -0.48
CA ALA A 133 -8.40 -5.27 0.48
C ALA A 133 -8.82 -3.95 -0.14
N SER A 134 -8.87 -2.88 0.66
CA SER A 134 -9.13 -1.56 0.10
C SER A 134 -8.59 -0.53 1.11
N ASP A 135 -8.59 0.75 0.73
CA ASP A 135 -8.40 1.76 1.76
C ASP A 135 -9.28 2.98 1.49
N ALA A 136 -9.35 3.89 2.48
CA ALA A 136 -10.14 5.10 2.32
C ALA A 136 -9.44 6.19 3.12
N ALA A 137 -9.58 7.45 2.72
CA ALA A 137 -9.07 8.56 3.53
C ALA A 137 -9.66 8.47 4.93
N LEU A 138 -8.84 8.76 5.95
CA LEU A 138 -9.29 8.76 7.33
C LEU A 138 -10.55 9.62 7.60
N ASP A 139 -10.66 10.75 6.90
CA ASP A 139 -11.79 11.62 7.20
C ASP A 139 -13.04 11.32 6.35
N ASN A 140 -12.94 10.36 5.46
CA ASN A 140 -14.08 10.06 4.58
C ASN A 140 -14.93 8.99 5.24
N VAL A 141 -15.66 9.41 6.27
CA VAL A 141 -16.37 8.47 7.09
C VAL A 141 -17.55 7.86 6.32
N ILE A 142 -18.02 8.57 5.30
CA ILE A 142 -19.12 8.06 4.50
C ILE A 142 -18.58 6.87 3.70
N SER A 143 -17.36 7.02 3.18
CA SER A 143 -16.76 5.92 2.47
C SER A 143 -16.49 4.74 3.39
N HIS A 144 -16.25 5.00 4.68
CA HIS A 144 -16.03 3.88 5.60
C HIS A 144 -17.32 3.10 5.72
N ALA A 145 -18.44 3.82 5.87
CA ALA A 145 -19.73 3.16 5.92
C ALA A 145 -20.03 2.37 4.64
N MET A 146 -19.69 2.94 3.50
CA MET A 146 -19.91 2.21 2.26
C MET A 146 -19.09 0.90 2.20
N HIS A 147 -17.81 0.94 2.58
CA HIS A 147 -16.98 -0.26 2.65
C HIS A 147 -17.63 -1.33 3.52
N ARG A 148 -18.14 -0.93 4.69
CA ARG A 148 -18.79 -1.90 5.56
C ARG A 148 -20.04 -2.50 4.91
N SER A 149 -20.75 -1.69 4.12
CA SER A 149 -21.95 -2.21 3.46
C SER A 149 -21.56 -3.22 2.40
N LEU A 150 -20.40 -3.02 1.80
CA LEU A 150 -19.90 -3.95 0.78
C LEU A 150 -19.25 -5.19 1.38
N GLY A 151 -19.23 -5.27 2.71
CA GLY A 151 -18.74 -6.46 3.40
C GLY A 151 -17.27 -6.43 3.83
N PHE A 152 -16.61 -5.28 3.65
CA PHE A 152 -15.24 -5.06 4.12
C PHE A 152 -15.25 -4.81 5.64
N GLN A 153 -14.17 -5.19 6.32
CA GLN A 153 -14.03 -4.89 7.73
C GLN A 153 -12.73 -4.11 7.89
N GLU A 154 -12.70 -3.14 8.80
CA GLU A 154 -11.50 -2.30 8.92
C GLU A 154 -10.38 -3.14 9.56
N THR A 155 -9.14 -2.95 9.07
CA THR A 155 -8.02 -3.72 9.57
C THR A 155 -7.06 -2.80 10.32
N GLU A 156 -6.65 -1.73 9.67
CA GLU A 156 -5.61 -0.84 10.24
C GLU A 156 -5.85 0.61 9.86
N LYS A 157 -5.46 1.53 10.75
CA LYS A 157 -5.42 2.95 10.37
C LYS A 157 -3.95 3.40 10.34
N VAL A 158 -3.58 4.14 9.30
CA VAL A 158 -2.20 4.39 8.99
CA VAL A 158 -2.18 4.45 9.12
C VAL A 158 -1.98 5.87 8.59
N VAL A 159 -0.79 6.41 8.87
CA VAL A 159 -0.42 7.72 8.40
CA VAL A 159 -0.39 7.73 8.43
C VAL A 159 0.79 7.56 7.49
N TYR A 160 0.74 8.20 6.30
CA TYR A 160 1.81 8.07 5.29
C TYR A 160 2.79 9.23 5.41
N PHE A 161 4.04 8.99 5.01
CA PHE A 161 5.06 10.02 5.11
C PHE A 161 5.87 9.96 3.85
N SER A 162 6.60 11.03 3.54
N SER A 162 6.64 11.00 3.59
CA SER A 162 7.47 11.04 2.38
CA SER A 162 7.50 11.01 2.40
C SER A 162 8.58 12.05 2.59
C SER A 162 8.59 12.02 2.62
N LYS A 163 9.69 11.85 1.87
CA LYS A 163 10.76 12.83 1.82
CA LYS A 163 10.76 12.83 1.82
C LYS A 163 11.48 12.71 0.49
N LYS A 164 12.16 13.78 0.08
CA LYS A 164 12.92 13.71 -1.16
C LYS A 164 14.30 13.17 -0.81
N ILE A 165 14.88 12.36 -1.70
CA ILE A 165 16.29 12.03 -1.56
C ILE A 165 17.07 12.72 -2.65
N ASP A 166 16.44 12.86 -3.82
CA ASP A 166 17.02 13.57 -4.96
C ASP A 166 15.98 14.45 -5.68
N MET B 22 26.97 2.33 15.41
CA MET B 22 28.24 1.63 15.26
C MET B 22 28.35 0.94 13.89
N ASN B 23 28.55 -0.37 13.87
CA ASN B 23 28.68 -1.13 12.62
C ASN B 23 27.33 -1.50 11.99
N ILE B 24 27.10 -0.97 10.79
CA ILE B 24 25.87 -1.32 10.04
C ILE B 24 26.23 -2.21 8.84
N LYS B 25 25.55 -3.34 8.74
CA LYS B 25 25.83 -4.31 7.68
C LYS B 25 24.54 -4.95 7.22
N PRO B 26 24.48 -5.37 5.96
CA PRO B 26 23.26 -6.05 5.52
C PRO B 26 23.11 -7.40 6.25
N ALA B 27 21.85 -7.81 6.48
CA ALA B 27 21.57 -9.16 6.96
C ALA B 27 22.06 -10.18 5.92
N SER B 28 22.39 -11.38 6.39
CA SER B 28 22.92 -12.42 5.54
C SER B 28 22.42 -13.74 6.08
N GLU B 29 22.70 -14.82 5.36
CA GLU B 29 22.37 -16.14 5.86
C GLU B 29 23.02 -16.39 7.22
N ALA B 30 24.20 -15.80 7.41
CA ALA B 30 24.96 -15.95 8.65
C ALA B 30 24.42 -15.10 9.81
N SER B 31 23.69 -14.03 9.49
CA SER B 31 23.12 -13.18 10.55
C SER B 31 21.61 -13.38 10.69
N LEU B 32 21.11 -14.50 10.18
CA LEU B 32 19.66 -14.72 10.07
C LEU B 32 18.96 -14.72 11.44
N LYS B 33 19.61 -15.30 12.45
CA LYS B 33 19.04 -15.34 13.79
C LYS B 33 19.12 -14.00 14.52
N ASP B 34 20.24 -13.31 14.36
CA ASP B 34 20.38 -11.93 14.80
C ASP B 34 19.22 -11.09 14.25
N TRP B 35 18.94 -11.25 12.97
CA TRP B 35 17.86 -10.53 12.33
C TRP B 35 16.50 -10.96 12.89
N LEU B 36 16.31 -12.27 13.02
CA LEU B 36 15.03 -12.83 13.46
C LEU B 36 14.60 -12.36 14.86
N GLU B 37 15.52 -12.38 15.82
CA GLU B 37 15.13 -12.05 17.20
C GLU B 37 15.03 -10.52 17.42
N LEU B 38 15.23 -9.73 16.37
CA LEU B 38 14.88 -8.32 16.41
C LEU B 38 13.55 -8.16 15.66
N ARG B 39 13.50 -8.74 14.46
CA ARG B 39 12.31 -8.74 13.62
C ARG B 39 11.05 -9.21 14.32
N ASN B 40 11.18 -10.30 15.08
CA ASN B 40 9.99 -10.83 15.77
C ASN B 40 9.48 -10.00 16.93
N LYS B 41 10.28 -9.00 17.34
CA LYS B 41 9.83 -8.09 18.41
C LYS B 41 9.07 -6.90 17.84
N LEU B 42 9.18 -6.72 16.53
CA LEU B 42 8.48 -5.67 15.80
C LEU B 42 7.17 -6.20 15.16
N TRP B 43 7.26 -7.32 14.44
CA TRP B 43 6.10 -7.87 13.74
C TRP B 43 5.74 -9.27 14.21
N SER B 44 4.44 -9.52 14.33
CA SER B 44 3.92 -10.77 14.84
C SER B 44 3.83 -11.81 13.72
N ASP B 45 4.56 -12.90 13.87
CA ASP B 45 4.42 -14.02 12.95
C ASP B 45 5.03 -15.25 13.58
N SER B 46 4.70 -16.44 13.06
CA SER B 46 5.36 -17.64 13.56
C SER B 46 6.82 -17.56 13.16
N GLU B 47 7.67 -18.27 13.89
CA GLU B 47 9.08 -18.39 13.50
C GLU B 47 9.20 -18.94 12.08
N ALA B 48 8.42 -19.98 11.78
CA ALA B 48 8.45 -20.59 10.45
C ALA B 48 8.10 -19.57 9.33
N SER B 49 7.09 -18.74 9.58
CA SER B 49 6.66 -17.79 8.56
C SER B 49 7.69 -16.69 8.36
N HIS B 50 8.16 -16.15 9.49
CA HIS B 50 9.24 -15.17 9.49
C HIS B 50 10.43 -15.66 8.65
N LEU B 51 10.90 -16.86 8.96
CA LEU B 51 12.12 -17.39 8.32
C LEU B 51 11.96 -17.65 6.84
N GLN B 52 10.82 -18.22 6.44
CA GLN B 52 10.60 -18.48 5.03
C GLN B 52 10.59 -17.13 4.29
N GLU B 53 9.93 -16.15 4.87
CA GLU B 53 9.91 -14.81 4.28
C GLU B 53 11.32 -14.17 4.23
N MET B 54 12.06 -14.33 5.31
CA MET B 54 13.39 -13.72 5.41
C MET B 54 14.34 -14.29 4.34
N HIS B 55 14.25 -15.59 4.09
CA HIS B 55 15.11 -16.21 3.09
C HIS B 55 14.82 -15.60 1.73
N GLN B 56 13.54 -15.41 1.42
CA GLN B 56 13.14 -14.80 0.15
C GLN B 56 13.66 -13.36 0.08
N LEU B 57 13.44 -12.61 1.15
CA LEU B 57 13.92 -11.22 1.25
C LEU B 57 15.44 -11.08 1.06
N LEU B 58 16.20 -12.03 1.58
CA LEU B 58 17.63 -12.04 1.34
C LEU B 58 18.01 -12.12 -0.12
N ALA B 59 17.22 -12.79 -0.95
CA ALA B 59 17.61 -12.95 -2.35
C ALA B 59 17.05 -11.84 -3.22
N GLU B 60 16.12 -11.06 -2.68
CA GLU B 60 15.39 -10.07 -3.48
C GLU B 60 16.21 -8.78 -3.61
N LYS B 61 16.55 -8.39 -4.84
CA LYS B 61 17.37 -7.18 -5.01
C LYS B 61 16.65 -5.90 -4.55
N TYR B 62 15.32 -5.91 -4.59
CA TYR B 62 14.54 -4.73 -4.24
C TYR B 62 14.14 -4.67 -2.76
N ALA B 63 14.76 -5.52 -1.94
CA ALA B 63 14.49 -5.55 -0.49
C ALA B 63 15.79 -5.28 0.25
N LEU B 64 15.76 -4.35 1.19
CA LEU B 64 16.92 -3.99 1.99
C LEU B 64 16.69 -4.53 3.38
N GLN B 65 17.70 -5.15 3.96
CA GLN B 65 17.62 -5.46 5.38
C GLN B 65 18.96 -5.22 6.03
N LEU B 66 18.99 -4.21 6.90
CA LEU B 66 20.21 -3.80 7.58
C LEU B 66 20.15 -4.13 9.07
N LEU B 67 21.28 -4.54 9.62
CA LEU B 67 21.40 -4.72 11.06
C LEU B 67 22.43 -3.73 11.55
N ALA B 68 22.22 -3.21 12.77
CA ALA B 68 23.26 -2.47 13.47
C ALA B 68 23.80 -3.27 14.64
N TYR B 69 25.11 -3.22 14.83
CA TYR B 69 25.77 -3.97 15.89
C TYR B 69 26.49 -3.05 16.86
N SER B 70 26.26 -3.23 18.16
CA SER B 70 27.03 -2.52 19.19
C SER B 70 27.88 -3.57 19.87
N ASP B 71 29.17 -3.29 20.01
CA ASP B 71 30.13 -4.36 20.24
C ASP B 71 29.74 -5.42 19.23
N HIS B 72 29.39 -6.62 19.70
CA HIS B 72 28.97 -7.66 18.77
C HIS B 72 27.54 -8.15 19.00
N GLN B 73 26.73 -7.31 19.64
CA GLN B 73 25.31 -7.57 19.74
C GLN B 73 24.56 -6.82 18.63
N ALA B 74 23.61 -7.49 18.00
CA ALA B 74 22.74 -6.79 17.06
C ALA B 74 21.73 -6.00 17.89
N ILE B 75 21.75 -4.68 17.75
CA ILE B 75 20.90 -3.83 18.57
C ILE B 75 19.82 -3.12 17.80
N ALA B 76 19.83 -3.26 16.47
CA ALA B 76 18.79 -2.63 15.67
C ALA B 76 18.69 -3.26 14.28
N MET B 77 17.56 -3.03 13.62
CA MET B 77 17.35 -3.49 12.24
C MET B 77 16.49 -2.49 11.50
N LEU B 78 16.67 -2.42 10.17
CA LEU B 78 15.79 -1.63 9.33
C LEU B 78 15.46 -2.50 8.13
N GLU B 79 14.20 -2.46 7.69
CA GLU B 79 13.87 -3.09 6.41
C GLU B 79 13.26 -2.03 5.51
N ALA B 80 13.58 -2.09 4.23
CA ALA B 80 13.00 -1.17 3.28
C ALA B 80 12.87 -1.89 1.95
N SER B 81 12.23 -1.23 1.01
CA SER B 81 12.07 -1.85 -0.30
C SER B 81 11.93 -0.76 -1.36
N ILE B 82 12.03 -1.17 -2.62
CA ILE B 82 11.57 -0.33 -3.71
C ILE B 82 10.16 -0.82 -4.05
N ARG B 83 9.19 0.08 -3.97
CA ARG B 83 7.80 -0.28 -4.27
C ARG B 83 7.46 0.21 -5.64
N PHE B 84 6.96 -0.69 -6.48
CA PHE B 84 6.64 -0.32 -7.83
C PHE B 84 5.13 -0.11 -8.01
N GLU B 85 4.36 -0.55 -7.03
CA GLU B 85 2.91 -0.41 -7.07
C GLU B 85 2.58 0.90 -6.38
N TYR B 86 1.35 1.37 -6.59
CA TYR B 86 0.95 2.69 -6.03
C TYR B 86 1.17 2.80 -4.51
N VAL B 87 1.76 3.93 -4.07
CA VAL B 87 1.96 4.20 -2.64
C VAL B 87 1.22 5.49 -2.31
N ASN B 88 0.32 5.45 -1.32
CA ASN B 88 -0.40 6.68 -0.95
C ASN B 88 0.54 7.86 -0.62
N GLY B 89 0.21 9.05 -1.10
CA GLY B 89 0.88 10.27 -0.66
C GLY B 89 2.10 10.62 -1.49
N THR B 90 2.56 9.67 -2.32
CA THR B 90 3.77 9.88 -3.12
C THR B 90 3.45 10.58 -4.43
N GLU B 91 4.46 11.18 -5.03
CA GLU B 91 4.27 11.92 -6.28
C GLU B 91 5.06 11.30 -7.42
N THR B 92 5.84 10.28 -7.10
CA THR B 92 6.61 9.56 -8.12
C THR B 92 6.40 8.06 -7.92
N SER B 93 6.80 7.27 -8.91
CA SER B 93 6.76 5.81 -8.81
C SER B 93 7.72 5.27 -9.85
N PRO B 94 8.56 4.29 -9.47
CA PRO B 94 8.64 3.67 -8.15
C PRO B 94 9.25 4.60 -7.06
N VAL B 95 9.22 4.16 -5.81
CA VAL B 95 9.69 4.94 -4.64
C VAL B 95 10.42 4.04 -3.67
N GLY B 96 11.36 4.59 -2.89
CA GLY B 96 11.91 3.83 -1.81
C GLY B 96 10.82 3.81 -0.75
N PHE B 97 10.77 2.75 0.05
CA PHE B 97 9.76 2.70 1.10
C PHE B 97 10.33 2.09 2.36
N LEU B 98 10.17 2.80 3.47
CA LEU B 98 10.64 2.32 4.77
C LEU B 98 9.62 1.32 5.33
N GLU B 99 9.99 0.04 5.44
CA GLU B 99 9.02 -0.96 5.92
C GLU B 99 8.98 -1.10 7.43
N GLY B 100 10.11 -0.89 8.09
CA GLY B 100 10.10 -0.96 9.54
C GLY B 100 11.46 -0.73 10.13
N ILE B 101 11.49 -0.29 11.39
CA ILE B 101 12.73 -0.12 12.13
C ILE B 101 12.48 -0.64 13.50
N TYR B 102 13.36 -1.48 14.03
CA TYR B 102 13.28 -1.86 15.43
C TYR B 102 14.63 -1.60 16.12
N VAL B 103 14.59 -0.95 17.30
CA VAL B 103 15.80 -0.76 18.07
C VAL B 103 15.56 -1.37 19.45
N LEU B 104 16.52 -2.14 19.95
CA LEU B 104 16.45 -2.66 21.32
C LEU B 104 16.27 -1.46 22.27
N PRO B 105 15.39 -1.61 23.28
CA PRO B 105 15.05 -0.52 24.19
C PRO B 105 16.26 0.20 24.79
N ALA B 106 17.30 -0.53 25.16
CA ALA B 106 18.46 0.11 25.79
C ALA B 106 19.28 1.03 24.86
N HIS B 107 19.01 0.98 23.56
CA HIS B 107 19.73 1.82 22.60
C HIS B 107 18.86 2.84 21.92
N ARG B 108 17.68 3.11 22.49
CA ARG B 108 16.70 3.92 21.75
C ARG B 108 17.03 5.41 21.87
N ARG B 109 18.00 5.73 22.72
CA ARG B 109 18.45 7.10 22.90
C ARG B 109 19.78 7.33 22.16
N SER B 110 20.15 6.37 21.32
CA SER B 110 21.49 6.33 20.72
C SER B 110 21.67 7.00 19.34
N GLY B 111 20.58 7.24 18.64
CA GLY B 111 20.69 7.79 17.29
C GLY B 111 20.95 6.73 16.21
N VAL B 112 20.97 5.46 16.61
CA VAL B 112 21.16 4.36 15.64
C VAL B 112 20.14 4.40 14.49
N ALA B 113 18.91 4.85 14.77
CA ALA B 113 17.90 4.84 13.70
C ALA B 113 18.26 5.86 12.60
N THR B 114 18.78 7.02 13.01
CA THR B 114 19.29 7.98 12.02
C THR B 114 20.38 7.36 11.15
N MET B 115 21.33 6.66 11.75
CA MET B 115 22.39 6.03 10.94
C MET B 115 21.85 4.97 9.99
N LEU B 116 20.82 4.24 10.44
CA LEU B 116 20.24 3.20 9.56
C LEU B 116 19.53 3.83 8.39
N ILE B 117 18.80 4.91 8.65
CA ILE B 117 18.03 5.58 7.61
C ILE B 117 18.94 6.21 6.54
N ARG B 118 20.01 6.83 6.99
CA ARG B 118 21.05 7.37 6.10
C ARG B 118 21.53 6.31 5.12
N GLN B 119 21.85 5.14 5.65
CA GLN B 119 22.30 4.03 4.81
C GLN B 119 21.22 3.55 3.85
N ALA B 120 19.98 3.49 4.35
CA ALA B 120 18.87 3.07 3.51
C ALA B 120 18.66 4.06 2.35
N GLU B 121 18.91 5.33 2.59
CA GLU B 121 18.82 6.30 1.50
C GLU B 121 19.89 6.09 0.47
N VAL B 122 21.13 5.88 0.92
CA VAL B 122 22.19 5.56 -0.04
C VAL B 122 21.79 4.33 -0.88
N TRP B 123 21.20 3.34 -0.21
CA TRP B 123 20.79 2.11 -0.90
C TRP B 123 19.76 2.41 -2.00
N ALA B 124 18.74 3.17 -1.64
CA ALA B 124 17.69 3.51 -2.59
C ALA B 124 18.22 4.37 -3.74
N LYS B 125 19.27 5.14 -3.48
CA LYS B 125 19.81 5.98 -4.55
C LYS B 125 20.47 5.21 -5.69
N GLN B 126 20.90 3.98 -5.41
CA GLN B 126 21.48 3.17 -6.48
C GLN B 126 20.46 2.90 -7.59
N PHE B 127 19.17 3.04 -7.27
CA PHE B 127 18.13 2.82 -8.28
C PHE B 127 17.59 4.12 -8.92
N SER B 128 18.24 5.24 -8.63
CA SER B 128 17.76 6.57 -9.08
C SER B 128 16.41 6.92 -8.47
N CYS B 129 16.14 6.42 -7.29
CA CYS B 129 14.92 6.83 -6.59
C CYS B 129 15.09 8.28 -6.10
N THR B 130 13.99 9.05 -6.06
CA THR B 130 14.09 10.49 -5.76
C THR B 130 13.23 10.74 -4.54
N GLU B 131 12.36 9.79 -4.25
CA GLU B 131 11.43 9.89 -3.12
C GLU B 131 11.53 8.67 -2.22
N PHE B 132 11.53 8.89 -0.90
CA PHE B 132 11.55 7.79 0.08
C PHE B 132 10.28 7.95 0.94
N ALA B 133 9.39 6.95 0.91
CA ALA B 133 8.11 7.05 1.64
C ALA B 133 8.10 6.10 2.80
N SER B 134 7.08 6.22 3.63
CA SER B 134 6.96 5.31 4.76
C SER B 134 5.52 5.45 5.29
N ASP B 135 5.16 4.60 6.24
CA ASP B 135 3.95 4.82 7.01
C ASP B 135 4.13 4.37 8.43
N ALA B 136 3.14 4.69 9.29
CA ALA B 136 3.15 4.33 10.69
C ALA B 136 1.71 4.08 11.11
N ALA B 137 1.50 3.24 12.12
CA ALA B 137 0.15 3.10 12.67
C ALA B 137 -0.34 4.45 13.17
N LEU B 138 -1.61 4.75 12.94
CA LEU B 138 -2.21 6.00 13.34
C LEU B 138 -2.02 6.28 14.85
N ASP B 139 -2.03 5.21 15.65
CA ASP B 139 -1.95 5.39 17.12
C ASP B 139 -0.52 5.38 17.65
N ASN B 140 0.46 5.22 16.75
CA ASN B 140 1.87 5.13 17.14
C ASN B 140 2.56 6.50 17.08
N VAL B 141 2.18 7.37 18.01
CA VAL B 141 2.68 8.73 18.05
C VAL B 141 4.19 8.74 18.17
N ILE B 142 4.76 7.72 18.86
CA ILE B 142 6.24 7.62 18.93
C ILE B 142 6.87 7.54 17.54
N SER B 143 6.30 6.68 16.68
CA SER B 143 6.82 6.56 15.35
C SER B 143 6.61 7.84 14.52
N HIS B 144 5.50 8.54 14.79
CA HIS B 144 5.30 9.83 14.11
C HIS B 144 6.44 10.79 14.39
N ALA B 145 6.82 10.96 15.66
CA ALA B 145 7.97 11.79 16.00
C ALA B 145 9.24 11.34 15.35
N MET B 146 9.47 10.03 15.40
CA MET B 146 10.66 9.47 14.80
C MET B 146 10.74 9.78 13.32
N HIS B 147 9.61 9.66 12.62
CA HIS B 147 9.60 9.90 11.16
C HIS B 147 10.00 11.35 10.89
N ARG B 148 9.48 12.26 11.72
N ARG B 148 9.47 12.25 11.71
CA ARG B 148 9.80 13.67 11.55
CA ARG B 148 9.80 13.66 11.55
C ARG B 148 11.27 13.89 11.84
C ARG B 148 11.25 13.93 11.88
N SER B 149 11.75 13.29 12.93
CA SER B 149 13.16 13.42 13.31
C SER B 149 14.06 12.86 12.16
N LEU B 150 13.57 11.84 11.48
CA LEU B 150 14.32 11.23 10.36
C LEU B 150 14.19 11.99 9.02
N GLY B 151 13.42 13.08 9.01
CA GLY B 151 13.32 13.99 7.88
C GLY B 151 12.09 13.78 7.00
N PHE B 152 11.18 12.91 7.41
CA PHE B 152 9.94 12.64 6.67
C PHE B 152 8.89 13.70 7.00
N GLN B 153 7.95 13.91 6.08
CA GLN B 153 6.83 14.81 6.39
C GLN B 153 5.57 14.05 6.13
N GLU B 154 4.52 14.33 6.91
CA GLU B 154 3.30 13.56 6.74
C GLU B 154 2.61 13.90 5.40
N THR B 155 1.98 12.90 4.76
CA THR B 155 1.26 13.16 3.52
C THR B 155 -0.25 12.90 3.60
N GLU B 156 -0.65 11.70 3.99
CA GLU B 156 -2.06 11.28 4.01
C GLU B 156 -2.32 10.38 5.20
N LYS B 157 -3.58 10.36 5.69
CA LYS B 157 -4.00 9.39 6.72
C LYS B 157 -5.11 8.56 6.09
N VAL B 158 -5.01 7.25 6.23
CA VAL B 158 -6.00 6.37 5.62
C VAL B 158 -6.37 5.22 6.53
N VAL B 159 -7.49 4.60 6.21
CA VAL B 159 -7.91 3.42 6.92
CA VAL B 159 -7.96 3.43 6.91
C VAL B 159 -7.95 2.29 5.91
N TYR B 160 -7.38 1.14 6.28
CA TYR B 160 -7.38 -0.04 5.42
C TYR B 160 -8.53 -0.98 5.76
N PHE B 161 -8.95 -1.76 4.76
CA PHE B 161 -10.06 -2.69 4.91
C PHE B 161 -9.69 -4.00 4.25
N SER B 162 -10.38 -5.08 4.66
N SER B 162 -10.40 -5.07 4.62
CA SER B 162 -10.23 -6.36 3.97
CA SER B 162 -10.23 -6.34 3.93
C SER B 162 -11.51 -7.20 4.08
C SER B 162 -11.49 -7.18 4.06
N LYS B 163 -11.67 -8.13 3.14
CA LYS B 163 -12.77 -9.07 3.20
C LYS B 163 -12.30 -10.32 2.50
N LYS B 164 -12.80 -11.45 2.96
CA LYS B 164 -12.42 -12.71 2.36
C LYS B 164 -13.25 -12.89 1.10
N ILE B 165 -12.63 -13.41 0.05
CA ILE B 165 -13.34 -13.72 -1.19
C ILE B 165 -14.10 -15.07 -1.23
N ASP B 166 -13.45 -16.21 -0.95
CA ASP B 166 -12.07 -16.36 -0.49
C ASP B 166 -11.37 -17.55 -1.18
C11 TOY C . -6.56 7.73 -3.22
O11 TOY C . -5.81 6.63 -3.69
C21 TOY C . -5.97 8.05 -1.82
N21 TOY C . -4.54 8.40 -1.92
C31 TOY C . -6.20 6.96 -0.78
C41 TOY C . -7.69 6.59 -0.69
O41 TOY C . -7.95 5.57 0.27
C51 TOY C . -8.10 6.10 -2.06
O51 TOY C . -7.88 7.19 -3.04
C61 TOY C . -9.53 5.56 -1.92
N61 TOY C . -9.96 5.02 -3.20
C12 TOY C . -4.84 5.80 -7.76
N12 TOY C . -4.87 5.50 -9.20
C22 TOY C . -5.60 4.74 -6.95
C32 TOY C . -5.42 5.01 -5.43
N32 TOY C . -6.14 3.97 -4.68
C42 TOY C . -5.98 6.39 -5.10
C52 TOY C . -5.23 7.47 -5.94
O52 TOY C . -5.76 8.82 -5.74
C62 TOY C . -5.42 7.19 -7.41
O62 TOY C . -4.72 8.18 -8.18
C13 TOY C . -5.64 8.81 -9.06
C23 TOY C . -4.89 9.11 -10.37
O23 TOY C . -4.43 7.85 -10.89
C33 TOY C . -3.70 10.03 -10.21
N33 TOY C . -3.01 10.22 -11.50
C43 TOY C . -4.23 11.35 -9.65
O43 TOY C . -3.15 12.31 -9.48
C53 TOY C . -4.90 11.05 -8.29
O53 TOY C . -6.01 10.09 -8.51
C63 TOY C . -5.31 12.35 -7.58
O63 TOY C . -5.93 12.09 -6.31
K K D . -6.96 -3.81 -17.82
CL CL E . -22.01 2.47 10.34
CL CL F . -11.29 8.32 0.24
C11 TOY G . 3.29 -2.74 9.51
O11 TOY G . 3.59 -2.85 8.11
C21 TOY G . 1.90 -2.10 9.61
N21 TOY G . 0.90 -2.97 8.92
C31 TOY G . 1.81 -0.68 9.07
C41 TOY G . 2.83 0.21 9.76
O41 TOY G . 2.80 1.52 9.26
C51 TOY G . 4.18 -0.37 9.51
O51 TOY G . 4.24 -1.74 10.04
C61 TOY G . 5.16 0.67 10.01
N61 TOY G . 6.50 0.28 9.72
C12 TOY G . 5.76 -5.98 6.15
N12 TOY G . 6.76 -6.98 5.66
C22 TOY G . 6.27 -4.53 6.03
C32 TOY G . 5.15 -3.56 6.38
N32 TOY G . 5.60 -2.15 6.27
C42 TOY G . 4.66 -3.81 7.80
C52 TOY G . 4.17 -5.25 7.90
O52 TOY G . 3.71 -5.58 9.25
C62 TOY G . 5.29 -6.22 7.56
O62 TOY G . 4.82 -7.58 7.64
C13 TOY G . 5.28 -8.40 8.68
C23 TOY G . 5.49 -9.80 8.08
O23 TOY G . 6.47 -9.74 7.00
C33 TOY G . 4.24 -10.40 7.53
N33 TOY G . 4.49 -11.76 6.99
C43 TOY G . 3.22 -10.48 8.63
O43 TOY G . 2.06 -11.04 8.09
C53 TOY G . 2.98 -9.06 9.14
O53 TOY G . 4.22 -8.49 9.62
C63 TOY G . 2.04 -9.05 10.35
O63 TOY G . 1.85 -7.70 10.80
K K H . 18.31 -8.17 -0.51
CL CL I . 3.82 1.77 13.45
#